data_8G8X
#
_entry.id   8G8X
#
_cell.length_a   36.650
_cell.length_b   172.560
_cell.length_c   52.480
_cell.angle_alpha   90.00
_cell.angle_beta   110.60
_cell.angle_gamma   90.00
#
_symmetry.space_group_name_H-M   'P 1 21 1'
#
loop_
_entity.id
_entity.type
_entity.pdbx_description
1 polymer 'Tyrosine-protein kinase JAK2'
2 non-polymer 3-cyclopropyl-1-{5-methyl-2-[(3-methyl-1,2-thiazol-5-yl)amino]pyrimidin-4-yl}azetidin-3-ol
3 water water
#
_entity_poly.entity_id   1
_entity_poly.type   'polypeptide(L)'
_entity_poly.pdbx_seq_one_letter_code
;MHHHHHHTSLYKKAGFLVPRGSEDRDPTQFEERHLKFLQQLGKGNFGSVEMCRYDPLQDNTGEVVAVKKLQHSTEEHLRD
FEREIEILKSLQHDNIVKYKGVCYSAGRRNLKLIMEYLPYGSLRDYLQKHKERIDHIKLLQYTSQICKGMEYLGTKRYIH
RDLATRNILVENENRVKIGDFGLTKVLPQDKE(PTR)(PTR)KVKEPGESPIFWYAPESLTESKFSVASDVWSFGVVLYE
LFTYIEKSKSPPAEFMRMIGNDKQGQSIVTHLIELLKNNGRLPRPDGCPDEIYMIMTECWNNNVNQRPSFRDLALRVDQI
RDNMAG
;
_entity_poly.pdbx_strand_id   A,B
#
loop_
_chem_comp.id
_chem_comp.type
_chem_comp.name
_chem_comp.formula
YT8 non-polymer 3-cyclopropyl-1-{5-methyl-2-[(3-methyl-1,2-thiazol-5-yl)amino]pyrimidin-4-yl}azetidin-3-ol 'C15 H19 N5 O S'
#
# COMPACT_ATOMS: atom_id res chain seq x y z
N THR A 28 2.35 35.73 28.98
CA THR A 28 0.87 35.87 28.91
C THR A 28 0.25 34.94 29.97
N GLN A 29 -0.51 35.51 30.91
CA GLN A 29 -1.14 34.78 32.04
C GLN A 29 -2.46 34.18 31.58
N PHE A 30 -2.78 32.99 32.10
CA PHE A 30 -4.08 32.32 31.92
C PHE A 30 -4.74 32.09 33.29
N GLU A 31 -5.86 32.75 33.54
CA GLU A 31 -6.75 32.46 34.70
C GLU A 31 -7.63 31.23 34.41
N GLU A 32 -7.66 30.29 35.35
CA GLU A 32 -8.49 29.05 35.34
C GLU A 32 -9.95 29.41 35.06
N ARG A 33 -10.42 30.50 35.68
CA ARG A 33 -11.86 30.86 35.65
C ARG A 33 -12.28 31.16 34.21
N HIS A 34 -11.34 31.56 33.34
CA HIS A 34 -11.65 31.89 31.92
C HIS A 34 -11.36 30.74 30.98
N LEU A 35 -10.83 29.62 31.51
CA LEU A 35 -10.48 28.41 30.71
C LEU A 35 -11.72 27.52 30.64
N LYS A 36 -12.31 27.37 29.47
CA LYS A 36 -13.62 26.73 29.32
C LYS A 36 -13.44 25.44 28.56
N PHE A 37 -13.80 24.33 29.18
CA PHE A 37 -13.63 22.97 28.64
C PHE A 37 -14.51 22.84 27.39
N LEU A 38 -13.97 22.40 26.25
CA LEU A 38 -14.79 22.16 25.02
C LEU A 38 -14.85 20.67 24.73
N GLN A 39 -13.70 19.98 24.72
CA GLN A 39 -13.72 18.55 24.32
C GLN A 39 -12.40 17.93 24.79
N GLN A 40 -12.45 16.65 25.15
CA GLN A 40 -11.24 15.83 25.39
C GLN A 40 -10.53 15.47 24.07
N LEU A 41 -9.28 15.86 23.88
CA LEU A 41 -8.48 15.52 22.67
C LEU A 41 -7.83 14.14 22.83
N GLY A 42 -7.43 13.80 24.03
CA GLY A 42 -6.78 12.52 24.35
C GLY A 42 -6.69 12.31 25.84
N LYS A 43 -6.66 11.07 26.26
CA LYS A 43 -6.48 10.66 27.67
C LYS A 43 -5.49 9.50 27.67
N GLY A 44 -4.46 9.60 28.50
CA GLY A 44 -3.44 8.55 28.61
C GLY A 44 -3.44 7.95 30.00
N ASN A 45 -2.33 7.34 30.38
CA ASN A 45 -2.00 7.03 31.79
C ASN A 45 -1.21 8.27 32.25
N PHE A 46 -1.68 8.88 33.33
CA PHE A 46 -0.94 9.96 34.04
C PHE A 46 -1.15 11.32 33.35
N GLY A 47 -1.92 11.43 32.26
CA GLY A 47 -2.06 12.72 31.53
C GLY A 47 -3.31 12.79 30.66
N SER A 48 -3.93 13.97 30.54
CA SER A 48 -4.99 14.22 29.55
C SER A 48 -4.73 15.54 28.81
N VAL A 49 -5.19 15.61 27.57
CA VAL A 49 -5.17 16.84 26.74
C VAL A 49 -6.62 17.23 26.42
N GLU A 50 -6.98 18.48 26.65
CA GLU A 50 -8.32 19.07 26.36
C GLU A 50 -8.25 20.30 25.45
N MET A 51 -9.17 20.39 24.48
CA MET A 51 -9.55 21.64 23.78
C MET A 51 -10.33 22.55 24.75
N CYS A 52 -9.84 23.74 24.97
CA CYS A 52 -10.52 24.75 25.83
C CYS A 52 -10.60 26.06 25.06
N ARG A 53 -11.59 26.88 25.38
CA ARG A 53 -11.63 28.28 24.92
C ARG A 53 -11.06 29.14 26.05
N TYR A 54 -10.05 29.94 25.78
CA TYR A 54 -9.63 30.95 26.78
C TYR A 54 -10.49 32.19 26.51
N ASP A 55 -11.45 32.47 27.40
CA ASP A 55 -12.52 33.48 27.16
C ASP A 55 -12.65 34.43 28.35
N PRO A 56 -11.70 35.40 28.51
CA PRO A 56 -11.84 36.43 29.53
C PRO A 56 -13.02 37.39 29.30
N LEU A 57 -13.52 37.47 28.06
CA LEU A 57 -14.67 38.33 27.69
C LEU A 57 -15.97 37.49 27.66
N GLN A 58 -15.90 36.20 27.99
CA GLN A 58 -17.08 35.31 28.16
C GLN A 58 -18.15 35.59 27.12
N ASP A 59 -17.75 35.62 25.85
CA ASP A 59 -18.67 35.83 24.71
C ASP A 59 -18.36 34.84 23.58
N ASN A 60 -17.66 33.74 23.90
CA ASN A 60 -17.40 32.65 22.93
C ASN A 60 -16.40 33.14 21.89
N THR A 61 -15.74 34.28 22.13
CA THR A 61 -14.84 34.95 21.13
C THR A 61 -13.39 34.55 21.39
N GLY A 62 -13.07 34.17 22.62
CA GLY A 62 -11.69 33.87 23.03
C GLY A 62 -11.10 32.72 22.22
N GLU A 63 -9.79 32.55 22.34
CA GLU A 63 -8.98 31.69 21.47
C GLU A 63 -9.07 30.24 21.97
N VAL A 64 -9.13 29.29 21.04
CA VAL A 64 -9.16 27.86 21.36
C VAL A 64 -7.71 27.41 21.61
N VAL A 65 -7.46 26.68 22.70
CA VAL A 65 -6.10 26.25 23.11
C VAL A 65 -6.20 24.78 23.49
N ALA A 66 -5.07 24.09 23.50
CA ALA A 66 -4.88 22.71 23.99
C ALA A 66 -4.31 22.81 25.41
N VAL A 67 -4.87 22.05 26.32
CA VAL A 67 -4.50 22.09 27.76
C VAL A 67 -4.16 20.68 28.19
N LYS A 68 -2.91 20.46 28.61
CA LYS A 68 -2.44 19.18 29.17
C LYS A 68 -2.43 19.31 30.68
N LYS A 69 -2.87 18.24 31.35
CA LYS A 69 -2.85 18.14 32.82
C LYS A 69 -2.69 16.69 33.24
N LEU A 70 -2.34 16.51 34.51
CA LEU A 70 -2.14 15.18 35.12
C LEU A 70 -3.49 14.65 35.56
N GLN A 71 -3.68 13.33 35.45
CA GLN A 71 -4.87 12.60 35.96
C GLN A 71 -4.40 11.66 37.08
N THR A 74 1.38 11.38 40.68
CA THR A 74 2.43 11.12 41.69
C THR A 74 3.27 12.39 41.87
N GLU A 75 4.22 12.36 42.80
CA GLU A 75 5.27 13.41 42.91
C GLU A 75 6.23 13.21 41.73
N GLU A 76 6.40 11.96 41.28
CA GLU A 76 7.35 11.59 40.19
C GLU A 76 6.79 12.08 38.84
N HIS A 77 5.50 11.85 38.56
CA HIS A 77 4.81 12.35 37.33
C HIS A 77 4.74 13.88 37.34
N LEU A 78 4.52 14.48 38.51
CA LEU A 78 4.52 15.95 38.65
C LEU A 78 5.90 16.50 38.28
N ARG A 79 6.96 15.90 38.81
CA ARG A 79 8.38 16.30 38.49
C ARG A 79 8.59 16.27 36.97
N ASP A 80 8.22 15.15 36.33
CA ASP A 80 8.33 14.93 34.87
C ASP A 80 7.54 16.01 34.15
N PHE A 81 6.36 16.35 34.63
CA PHE A 81 5.50 17.36 33.98
C PHE A 81 6.10 18.75 34.08
N GLU A 82 6.64 19.11 35.25
CA GLU A 82 7.33 20.42 35.45
C GLU A 82 8.46 20.54 34.44
N ARG A 83 9.25 19.48 34.30
CA ARG A 83 10.40 19.47 33.37
C ARG A 83 9.87 19.52 31.93
N GLU A 84 8.75 18.83 31.65
CA GLU A 84 8.18 18.81 30.29
C GLU A 84 7.74 20.24 29.93
N ILE A 85 7.10 20.95 30.87
CA ILE A 85 6.67 22.37 30.61
C ILE A 85 7.89 23.24 30.19
N GLU A 86 8.99 23.16 30.96
CA GLU A 86 10.20 23.98 30.72
C GLU A 86 10.88 23.58 29.42
N ILE A 87 10.87 22.28 29.12
CA ILE A 87 11.40 21.82 27.80
C ILE A 87 10.60 22.50 26.67
N LEU A 88 9.29 22.49 26.73
CA LEU A 88 8.48 22.99 25.59
C LEU A 88 8.64 24.51 25.52
N LYS A 89 8.73 25.16 26.69
CA LYS A 89 8.85 26.61 26.80
C LYS A 89 10.14 27.01 26.10
N SER A 90 11.17 26.15 26.19
CA SER A 90 12.51 26.45 25.61
C SER A 90 12.52 26.25 24.09
N LEU A 91 11.52 25.60 23.52
CA LEU A 91 11.48 25.31 22.06
C LEU A 91 10.66 26.35 21.26
N GLN A 92 11.28 26.91 20.21
CA GLN A 92 10.61 27.84 19.29
C GLN A 92 10.94 27.41 17.88
N HIS A 93 9.99 26.80 17.17
CA HIS A 93 10.33 26.30 15.82
C HIS A 93 9.04 26.10 15.06
N ASP A 94 9.10 26.26 13.75
CA ASP A 94 7.91 26.06 12.88
C ASP A 94 7.29 24.67 13.09
N ASN A 95 8.11 23.67 13.35
CA ASN A 95 7.65 22.26 13.37
C ASN A 95 7.58 21.75 14.82
N ILE A 96 7.49 22.65 15.79
CA ILE A 96 7.25 22.27 17.22
C ILE A 96 5.99 22.97 17.71
N VAL A 97 5.06 22.22 18.30
CA VAL A 97 3.81 22.81 18.83
C VAL A 97 4.16 24.01 19.74
N LYS A 98 3.43 25.13 19.59
CA LYS A 98 3.69 26.37 20.36
C LYS A 98 3.28 26.26 21.82
N TYR A 99 4.23 26.49 22.71
CA TYR A 99 3.99 26.81 24.15
C TYR A 99 3.24 28.12 24.25
N LYS A 100 2.17 28.20 25.03
CA LYS A 100 1.46 29.49 25.22
C LYS A 100 1.62 29.93 26.67
N GLY A 101 1.65 29.02 27.61
CA GLY A 101 1.82 29.37 29.02
C GLY A 101 1.38 28.25 29.91
N VAL A 102 1.15 28.60 31.17
CA VAL A 102 0.72 27.70 32.27
C VAL A 102 -0.53 28.30 32.97
N CYS A 103 -1.29 27.44 33.66
CA CYS A 103 -2.53 27.77 34.41
C CYS A 103 -2.54 26.92 35.69
N TYR A 104 -2.55 27.56 36.85
CA TYR A 104 -2.43 26.90 38.20
C TYR A 104 -3.79 27.01 38.91
N SER A 105 -4.19 25.98 39.64
CA SER A 105 -5.31 26.07 40.62
C SER A 105 -4.87 26.91 41.82
N ASN A 110 -4.33 21.13 39.78
CA ASN A 110 -2.85 21.19 39.67
C ASN A 110 -2.45 21.91 38.35
N LEU A 111 -1.14 21.96 38.10
CA LEU A 111 -0.58 22.70 36.94
C LEU A 111 -1.23 22.22 35.62
N LYS A 112 -1.58 23.17 34.76
CA LYS A 112 -1.96 22.87 33.37
C LYS A 112 -1.00 23.58 32.40
N LEU A 113 -0.65 22.88 31.34
CA LEU A 113 0.24 23.34 30.25
C LEU A 113 -0.64 23.80 29.10
N ILE A 114 -0.56 25.07 28.75
CA ILE A 114 -1.40 25.62 27.65
C ILE A 114 -0.54 25.73 26.40
N MET A 115 -1.09 25.23 25.28
CA MET A 115 -0.46 25.10 23.96
C MET A 115 -1.40 25.65 22.92
N GLU A 116 -0.90 25.94 21.75
CA GLU A 116 -1.78 26.23 20.58
C GLU A 116 -2.56 24.94 20.28
N TYR A 117 -3.79 25.11 19.85
CA TYR A 117 -4.69 24.08 19.33
C TYR A 117 -4.44 23.92 17.83
N LEU A 118 -4.09 22.73 17.37
CA LEU A 118 -3.92 22.47 15.92
C LEU A 118 -5.13 21.65 15.45
N PRO A 119 -5.94 22.26 14.56
CA PRO A 119 -7.31 21.77 14.29
C PRO A 119 -7.39 20.38 13.61
N TYR A 120 -6.31 19.85 13.00
CA TYR A 120 -6.42 18.60 12.20
C TYR A 120 -5.95 17.40 13.01
N GLY A 121 -5.42 17.63 14.21
CA GLY A 121 -5.11 16.59 15.18
C GLY A 121 -3.83 15.85 14.82
N SER A 122 -3.70 14.64 15.32
CA SER A 122 -2.48 13.83 15.14
C SER A 122 -2.31 13.47 13.66
N LEU A 123 -1.06 13.37 13.21
CA LEU A 123 -0.78 12.89 11.84
C LEU A 123 -1.35 11.48 11.65
N ARG A 124 -1.22 10.67 12.70
CA ARG A 124 -1.79 9.30 12.72
C ARG A 124 -3.27 9.37 12.31
N ASP A 125 -4.05 10.19 12.98
CA ASP A 125 -5.50 10.22 12.70
C ASP A 125 -5.78 10.92 11.38
N TYR A 126 -5.03 11.96 11.08
CA TYR A 126 -5.23 12.74 9.84
C TYR A 126 -5.02 11.81 8.64
N LEU A 127 -3.97 10.98 8.70
CA LEU A 127 -3.56 10.16 7.57
C LEU A 127 -4.56 9.02 7.40
N GLN A 128 -4.98 8.39 8.48
CA GLN A 128 -6.08 7.39 8.40
C GLN A 128 -7.31 7.99 7.74
N LYS A 129 -7.65 9.20 8.12
CA LYS A 129 -8.88 9.87 7.63
C LYS A 129 -8.70 10.23 6.15
N HIS A 130 -7.58 10.85 5.77
CA HIS A 130 -7.47 11.59 4.49
C HIS A 130 -6.51 10.92 3.53
N LYS A 131 -6.16 9.65 3.76
CA LYS A 131 -5.13 8.93 3.00
C LYS A 131 -5.44 8.96 1.49
N GLU A 132 -6.71 8.94 1.08
CA GLU A 132 -7.02 8.91 -0.37
C GLU A 132 -6.61 10.21 -1.08
N ARG A 133 -6.22 11.21 -0.31
CA ARG A 133 -5.89 12.56 -0.85
C ARG A 133 -4.44 12.90 -0.51
N ILE A 134 -3.69 11.93 0.02
CA ILE A 134 -2.28 12.14 0.42
C ILE A 134 -1.37 11.20 -0.38
N ASP A 135 -0.55 11.75 -1.26
CA ASP A 135 0.36 10.97 -2.11
C ASP A 135 1.75 10.94 -1.46
N HIS A 136 2.68 10.28 -2.13
CA HIS A 136 4.05 10.05 -1.65
C HIS A 136 4.78 11.39 -1.44
N ILE A 137 4.53 12.33 -2.35
CA ILE A 137 5.09 13.69 -2.30
C ILE A 137 4.69 14.36 -1.00
N LYS A 138 3.42 14.29 -0.64
CA LYS A 138 2.92 14.90 0.60
C LYS A 138 3.57 14.20 1.80
N LEU A 139 3.62 12.88 1.81
CA LEU A 139 4.28 12.15 2.92
C LEU A 139 5.72 12.67 3.10
N LEU A 140 6.43 12.87 2.01
CA LEU A 140 7.85 13.33 2.07
C LEU A 140 7.90 14.77 2.57
N GLN A 141 6.87 15.59 2.30
CA GLN A 141 6.83 16.94 2.89
C GLN A 141 6.77 16.82 4.40
N TYR A 142 5.85 15.99 4.92
CA TYR A 142 5.72 15.81 6.38
C TYR A 142 7.02 15.28 6.94
N THR A 143 7.59 14.31 6.21
CA THR A 143 8.80 13.60 6.71
C THR A 143 9.93 14.63 6.96
N SER A 144 10.07 15.55 5.99
CA SER A 144 11.08 16.61 5.98
C SER A 144 10.91 17.49 7.22
N GLN A 145 9.67 17.84 7.54
CA GLN A 145 9.35 18.77 8.62
C GLN A 145 9.62 18.09 9.95
N ILE A 146 9.26 16.82 10.08
CA ILE A 146 9.61 16.03 11.30
C ILE A 146 11.16 16.10 11.48
N CYS A 147 11.92 15.81 10.44
CA CYS A 147 13.41 15.80 10.45
C CYS A 147 13.93 17.16 10.93
N LYS A 148 13.39 18.27 10.40
CA LYS A 148 13.78 19.63 10.84
C LYS A 148 13.47 19.87 12.30
N GLY A 149 12.26 19.49 12.78
CA GLY A 149 12.02 19.61 14.22
C GLY A 149 13.01 18.81 15.04
N MET A 150 13.26 17.58 14.64
CA MET A 150 14.24 16.67 15.32
C MET A 150 15.68 17.22 15.26
N GLU A 151 16.06 17.84 14.14
CA GLU A 151 17.38 18.47 13.99
C GLU A 151 17.49 19.56 15.09
N TYR A 152 16.43 20.35 15.26
CA TYR A 152 16.42 21.50 16.20
C TYR A 152 16.52 20.97 17.64
N LEU A 153 15.73 19.93 17.99
CA LEU A 153 15.83 19.24 19.31
C LEU A 153 17.27 18.88 19.55
N GLY A 154 17.88 18.31 18.54
CA GLY A 154 19.31 17.95 18.57
C GLY A 154 20.19 19.07 19.05
N THR A 155 20.01 20.29 18.55
CA THR A 155 20.85 21.46 18.94
C THR A 155 20.69 21.75 20.44
N LYS A 156 19.56 21.42 21.06
CA LYS A 156 19.37 21.61 22.52
C LYS A 156 19.85 20.39 23.29
N ARG A 157 20.31 19.34 22.63
CA ARG A 157 20.75 18.10 23.32
C ARG A 157 19.51 17.49 24.00
N TYR A 158 18.35 17.59 23.36
CA TYR A 158 17.09 16.98 23.84
C TYR A 158 16.88 15.68 23.08
N ILE A 159 16.55 14.61 23.79
CA ILE A 159 16.22 13.29 23.23
C ILE A 159 14.73 13.13 23.42
N HIS A 160 13.99 12.93 22.33
CA HIS A 160 12.51 12.95 22.36
C HIS A 160 12.01 11.66 23.04
N ARG A 161 12.58 10.54 22.64
CA ARG A 161 12.27 9.18 23.13
C ARG A 161 10.91 8.65 22.63
N ASP A 162 10.03 9.43 21.99
CA ASP A 162 8.63 8.98 21.75
C ASP A 162 8.20 9.37 20.33
N LEU A 163 9.09 9.32 19.37
CA LEU A 163 8.77 9.72 18.00
C LEU A 163 7.85 8.69 17.37
N ALA A 164 6.60 9.09 17.12
CA ALA A 164 5.53 8.27 16.54
C ALA A 164 4.58 9.26 15.86
N THR A 165 3.88 8.86 14.79
CA THR A 165 2.85 9.69 14.11
C THR A 165 1.75 10.12 15.09
N ARG A 166 1.50 9.37 16.16
CA ARG A 166 0.46 9.79 17.14
C ARG A 166 0.99 11.04 17.90
N ASN A 167 2.28 11.31 17.83
CA ASN A 167 2.82 12.47 18.60
C ASN A 167 3.17 13.63 17.69
N ILE A 168 2.77 13.53 16.43
CA ILE A 168 2.92 14.63 15.46
C ILE A 168 1.55 15.22 15.17
N LEU A 169 1.48 16.54 15.02
CA LEU A 169 0.20 17.25 14.83
C LEU A 169 0.16 17.95 13.49
N VAL A 170 -1.05 18.11 12.96
CA VAL A 170 -1.29 18.69 11.62
C VAL A 170 -1.90 20.07 11.84
N GLU A 171 -1.15 21.09 11.46
CA GLU A 171 -1.62 22.49 11.54
C GLU A 171 -2.49 22.73 10.31
N ASN A 172 -1.98 22.34 9.13
CA ASN A 172 -2.78 22.38 7.88
C ASN A 172 -2.22 21.38 6.89
N GLU A 173 -2.80 21.34 5.70
CA GLU A 173 -2.39 20.43 4.60
C GLU A 173 -0.87 20.43 4.34
N ASN A 174 -0.17 21.51 4.69
CA ASN A 174 1.28 21.71 4.34
C ASN A 174 2.18 21.93 5.58
N ARG A 175 1.71 21.70 6.78
CA ARG A 175 2.57 21.88 7.97
C ARG A 175 2.20 20.89 9.08
N VAL A 176 3.21 20.14 9.57
CA VAL A 176 3.08 19.27 10.77
C VAL A 176 4.06 19.77 11.83
N LYS A 177 3.79 19.43 13.05
CA LYS A 177 4.63 19.83 14.20
C LYS A 177 4.77 18.62 15.13
N ILE A 178 5.94 18.48 15.73
CA ILE A 178 6.03 17.54 16.88
C ILE A 178 5.17 18.12 18.00
N GLY A 179 4.33 17.31 18.62
CA GLY A 179 3.23 17.90 19.42
C GLY A 179 3.16 17.35 20.82
N ASP A 180 4.19 16.65 21.27
CA ASP A 180 4.24 16.14 22.67
C ASP A 180 5.69 15.88 23.08
N PHE A 181 6.06 16.22 24.32
CA PHE A 181 7.45 16.12 24.82
C PHE A 181 7.47 15.44 26.18
N GLY A 182 6.42 14.64 26.44
CA GLY A 182 6.21 13.96 27.73
C GLY A 182 7.33 13.02 28.14
N LEU A 183 8.14 12.51 27.21
CA LEU A 183 9.24 11.56 27.58
C LEU A 183 10.61 12.18 27.34
N THR A 184 10.65 13.45 26.93
CA THR A 184 11.87 14.09 26.39
C THR A 184 12.84 14.29 27.58
N LYS A 185 14.12 14.02 27.34
CA LYS A 185 15.22 14.08 28.34
C LYS A 185 16.27 15.01 27.78
N VAL A 186 17.02 15.65 28.68
CA VAL A 186 18.18 16.52 28.32
C VAL A 186 19.41 15.66 28.52
N LEU A 187 20.30 15.56 27.51
CA LEU A 187 21.54 14.79 27.71
C LEU A 187 22.35 15.37 28.86
N PRO A 188 23.06 14.52 29.64
CA PRO A 188 24.06 15.02 30.58
C PRO A 188 25.04 15.87 29.78
N GLN A 189 25.75 16.76 30.45
CA GLN A 189 26.67 17.69 29.76
C GLN A 189 27.80 16.90 29.11
N ASP A 190 28.16 15.77 29.70
CA ASP A 190 29.37 15.05 29.26
C ASP A 190 29.04 13.71 28.60
N LYS A 191 27.77 13.39 28.26
CA LYS A 191 27.44 12.08 27.67
C LYS A 191 26.56 12.21 26.42
N GLU A 192 26.62 11.24 25.53
CA GLU A 192 25.79 11.26 24.31
C GLU A 192 24.56 10.37 24.47
N PTR A 193 24.37 9.77 25.66
CA PTR A 193 23.16 8.98 25.90
C PTR A 193 22.62 9.29 27.28
O PTR A 193 23.34 9.85 28.13
CB PTR A 193 23.34 7.47 25.73
CG PTR A 193 24.44 6.88 26.53
CD1 PTR A 193 25.69 6.76 25.95
CD2 PTR A 193 24.27 6.43 27.85
CE1 PTR A 193 26.76 6.24 26.66
CE2 PTR A 193 25.33 5.93 28.58
CZ PTR A 193 26.57 5.83 27.98
OH PTR A 193 27.72 5.33 28.58
P PTR A 193 27.81 4.14 29.60
O1P PTR A 193 29.23 4.01 30.07
O2P PTR A 193 27.35 2.91 28.84
O3P PTR A 193 26.88 4.47 30.79
N PTR A 194 21.33 8.95 27.45
CA PTR A 194 20.65 9.05 28.71
C PTR A 194 20.07 7.69 29.08
O PTR A 194 19.32 7.12 28.28
CB PTR A 194 19.53 10.07 28.52
CG PTR A 194 18.93 10.59 29.80
CD1 PTR A 194 17.94 9.92 30.52
CD2 PTR A 194 19.25 11.87 30.18
CE1 PTR A 194 17.45 10.45 31.72
CE2 PTR A 194 18.71 12.45 31.31
CZ PTR A 194 17.84 11.72 32.08
OH PTR A 194 17.34 12.38 33.18
P PTR A 194 16.80 11.66 34.49
O1P PTR A 194 17.86 10.63 34.90
O2P PTR A 194 16.59 12.66 35.54
O3P PTR A 194 15.50 11.02 34.07
N LYS A 195 20.39 7.19 30.26
CA LYS A 195 19.79 5.96 30.73
C LYS A 195 18.66 6.31 31.67
N VAL A 196 17.52 5.66 31.44
CA VAL A 196 16.24 5.94 32.13
C VAL A 196 15.86 4.76 33.01
N LYS A 197 15.27 5.03 34.18
CA LYS A 197 14.86 4.01 35.20
C LYS A 197 13.34 3.81 35.18
N GLU A 198 12.63 4.06 34.07
CA GLU A 198 11.14 4.16 34.18
C GLU A 198 10.55 2.75 34.21
N PRO A 199 9.56 2.48 35.10
CA PRO A 199 8.85 1.19 35.13
C PRO A 199 7.50 1.13 34.36
N GLY A 200 7.02 2.27 33.84
CA GLY A 200 5.77 2.35 33.05
C GLY A 200 5.87 1.61 31.72
N GLU A 201 4.74 1.43 31.02
CA GLU A 201 4.67 0.94 29.62
C GLU A 201 5.49 1.87 28.73
N SER A 202 6.24 1.30 27.80
CA SER A 202 7.09 2.03 26.86
C SER A 202 6.59 1.65 25.47
N PRO A 203 6.72 2.52 24.44
CA PRO A 203 6.34 2.16 23.08
C PRO A 203 7.38 1.26 22.39
N ILE A 204 7.43 -0.02 22.81
CA ILE A 204 8.62 -0.90 22.57
C ILE A 204 8.74 -1.14 21.06
N PHE A 205 7.64 -1.13 20.30
CA PHE A 205 7.74 -1.47 18.86
C PHE A 205 8.32 -0.26 18.11
N TRP A 206 8.68 0.83 18.78
CA TRP A 206 9.34 2.00 18.16
C TRP A 206 10.77 2.11 18.70
N TYR A 207 11.16 1.21 19.61
CA TYR A 207 12.41 1.40 20.38
C TYR A 207 13.59 0.73 19.68
N ALA A 208 14.74 1.40 19.72
CA ALA A 208 16.06 0.90 19.30
C ALA A 208 16.46 -0.27 20.22
N PRO A 209 17.25 -1.25 19.72
CA PRO A 209 17.65 -2.39 20.52
C PRO A 209 18.29 -1.97 21.85
N GLU A 210 19.17 -0.95 21.83
CA GLU A 210 19.90 -0.54 23.06
C GLU A 210 18.95 0.13 24.05
N SER A 211 17.82 0.70 23.55
CA SER A 211 16.76 1.21 24.41
C SER A 211 16.09 0.04 25.15
N LEU A 212 15.75 -1.03 24.45
CA LEU A 212 15.12 -2.26 24.97
C LEU A 212 16.08 -2.93 25.94
N THR A 213 17.36 -3.08 25.61
CA THR A 213 18.24 -3.98 26.42
C THR A 213 18.86 -3.22 27.60
N GLU A 214 19.22 -1.95 27.45
CA GLU A 214 20.03 -1.18 28.44
C GLU A 214 19.33 0.14 28.80
N SER A 215 18.10 0.39 28.34
CA SER A 215 17.35 1.67 28.52
C SER A 215 18.23 2.89 28.17
N LYS A 216 19.01 2.79 27.11
CA LYS A 216 19.88 3.90 26.64
C LYS A 216 19.15 4.65 25.55
N PHE A 217 19.00 5.94 25.73
CA PHE A 217 18.30 6.83 24.77
C PHE A 217 19.29 7.88 24.28
N SER A 218 19.24 8.14 22.99
CA SER A 218 20.21 9.04 22.32
C SER A 218 19.58 9.69 21.10
N VAL A 219 20.35 10.57 20.42
CA VAL A 219 19.94 11.05 19.10
C VAL A 219 19.80 9.81 18.19
N ALA A 220 20.73 8.87 18.24
CA ALA A 220 20.65 7.63 17.43
C ALA A 220 19.42 6.78 17.74
N SER A 221 18.93 6.70 18.98
CA SER A 221 17.64 6.01 19.24
C SER A 221 16.47 6.85 18.72
N ASP A 222 16.58 8.17 18.69
CA ASP A 222 15.54 9.00 18.03
C ASP A 222 15.53 8.68 16.53
N VAL A 223 16.71 8.42 15.90
CA VAL A 223 16.79 8.16 14.45
C VAL A 223 16.15 6.81 14.18
N TRP A 224 16.45 5.81 15.00
CA TRP A 224 15.75 4.51 14.89
C TRP A 224 14.25 4.77 14.90
N SER A 225 13.76 5.49 15.90
CA SER A 225 12.29 5.77 15.99
C SER A 225 11.75 6.53 14.77
N PHE A 226 12.56 7.40 14.19
CA PHE A 226 12.16 8.12 12.99
C PHE A 226 11.96 7.10 11.87
N GLY A 227 12.79 6.06 11.80
CA GLY A 227 12.65 5.07 10.74
C GLY A 227 11.28 4.45 10.83
N VAL A 228 10.84 4.17 12.04
CA VAL A 228 9.50 3.60 12.30
C VAL A 228 8.40 4.61 11.94
N VAL A 229 8.60 5.88 12.19
CA VAL A 229 7.65 6.92 11.70
C VAL A 229 7.53 6.84 10.16
N LEU A 230 8.67 6.81 9.44
CA LEU A 230 8.69 6.67 7.95
C LEU A 230 7.90 5.46 7.51
N TYR A 231 8.06 4.33 8.24
CA TYR A 231 7.29 3.10 8.06
C TYR A 231 5.79 3.32 8.26
N GLU A 232 5.42 3.95 9.36
CA GLU A 232 3.99 4.30 9.66
C GLU A 232 3.42 5.10 8.49
N LEU A 233 4.17 6.10 8.01
CA LEU A 233 3.59 7.00 6.97
C LEU A 233 3.39 6.17 5.68
N PHE A 234 4.39 5.36 5.29
CA PHE A 234 4.39 4.72 3.95
C PHE A 234 3.46 3.51 3.99
N THR A 235 3.09 3.01 5.15
CA THR A 235 2.03 1.97 5.28
C THR A 235 0.68 2.66 5.45
N TYR A 236 0.64 3.99 5.49
CA TYR A 236 -0.66 4.74 5.60
C TYR A 236 -1.43 4.37 6.87
N ILE A 237 -0.71 3.93 7.91
CA ILE A 237 -1.27 3.59 9.25
C ILE A 237 -2.30 2.47 9.07
N GLU A 238 -2.16 1.63 8.05
CA GLU A 238 -3.02 0.44 7.92
C GLU A 238 -2.81 -0.48 9.11
N LYS A 239 -3.88 -0.85 9.81
CA LYS A 239 -3.82 -1.64 11.06
C LYS A 239 -3.14 -2.97 10.80
N SER A 240 -3.41 -3.63 9.68
CA SER A 240 -2.83 -4.96 9.44
C SER A 240 -1.30 -4.85 9.18
N LYS A 241 -0.74 -3.65 8.92
CA LYS A 241 0.71 -3.45 8.65
C LYS A 241 1.43 -2.70 9.79
N SER A 242 0.76 -2.46 10.91
CA SER A 242 1.29 -1.62 12.00
C SER A 242 2.55 -2.27 12.58
N PRO A 243 3.52 -1.47 13.09
CA PRO A 243 4.68 -2.05 13.76
C PRO A 243 4.33 -3.14 14.79
N PRO A 244 3.33 -2.99 15.68
CA PRO A 244 2.95 -4.10 16.59
C PRO A 244 2.43 -5.33 15.84
N ALA A 245 1.60 -5.13 14.83
CA ALA A 245 1.11 -6.28 14.02
C ALA A 245 2.26 -7.07 13.39
N GLU A 246 3.18 -6.37 12.72
CA GLU A 246 4.26 -7.05 12.01
C GLU A 246 5.21 -7.73 13.00
N PHE A 247 5.64 -7.05 14.08
CA PHE A 247 6.60 -7.62 15.03
C PHE A 247 5.95 -8.83 15.69
N MET A 248 4.68 -8.74 16.06
CA MET A 248 4.02 -9.88 16.72
C MET A 248 3.89 -11.05 15.75
N ARG A 249 3.65 -10.78 14.47
CA ARG A 249 3.61 -11.87 13.47
C ARG A 249 5.00 -12.52 13.41
N MET A 250 6.06 -11.71 13.42
CA MET A 250 7.41 -12.32 13.28
C MET A 250 7.81 -13.04 14.58
N ILE A 251 7.33 -12.59 15.74
CA ILE A 251 7.60 -13.25 17.05
C ILE A 251 6.88 -14.58 17.11
N GLY A 252 5.64 -14.69 16.60
CA GLY A 252 4.74 -15.83 16.86
C GLY A 252 4.17 -15.73 18.27
N GLY A 257 7.43 -19.25 27.38
CA GLY A 257 7.48 -18.44 28.61
C GLY A 257 8.61 -17.43 28.54
N GLN A 258 8.44 -16.37 27.77
CA GLN A 258 9.39 -15.22 27.74
C GLN A 258 8.57 -14.03 27.32
N SER A 259 8.86 -12.87 27.87
CA SER A 259 8.15 -11.62 27.56
C SER A 259 8.29 -11.28 26.05
N ILE A 260 7.36 -10.48 25.55
CA ILE A 260 7.37 -9.94 24.17
C ILE A 260 8.65 -9.12 24.00
N VAL A 261 9.06 -8.36 25.03
CA VAL A 261 10.27 -7.54 25.02
C VAL A 261 11.43 -8.45 24.71
N THR A 262 11.54 -9.57 25.44
CA THR A 262 12.63 -10.54 25.23
C THR A 262 12.59 -11.05 23.77
N HIS A 263 11.45 -11.43 23.26
CA HIS A 263 11.34 -11.96 21.87
C HIS A 263 11.75 -10.83 20.89
N LEU A 264 11.31 -9.61 21.17
CA LEU A 264 11.61 -8.50 20.25
C LEU A 264 13.15 -8.22 20.19
N ILE A 265 13.83 -8.09 21.33
CA ILE A 265 15.31 -7.95 21.38
C ILE A 265 15.97 -9.06 20.54
N GLU A 266 15.59 -10.33 20.73
CA GLU A 266 16.18 -11.49 20.02
C GLU A 266 15.89 -11.34 18.52
N LEU A 267 14.66 -11.05 18.14
CA LEU A 267 14.33 -10.84 16.71
C LEU A 267 15.21 -9.70 16.12
N LEU A 268 15.36 -8.55 16.82
CA LEU A 268 16.14 -7.39 16.27
C LEU A 268 17.62 -7.76 16.19
N LYS A 269 18.11 -8.51 17.16
CA LYS A 269 19.52 -9.04 17.23
C LYS A 269 19.78 -9.94 16.03
N ASN A 270 18.78 -10.70 15.58
CA ASN A 270 18.92 -11.60 14.40
C ASN A 270 18.58 -10.87 13.11
N ASN A 271 18.58 -9.54 13.10
CA ASN A 271 18.29 -8.65 11.94
C ASN A 271 16.89 -8.87 11.38
N GLY A 272 15.92 -9.32 12.18
CA GLY A 272 14.51 -9.12 11.81
C GLY A 272 14.18 -7.65 11.72
N ARG A 273 13.46 -7.26 10.68
CA ARG A 273 13.08 -5.83 10.51
C ARG A 273 11.66 -5.76 9.97
N LEU A 274 11.03 -4.58 10.07
CA LEU A 274 9.74 -4.36 9.42
C LEU A 274 9.96 -4.44 7.92
N PRO A 275 8.99 -4.99 7.17
CA PRO A 275 9.17 -5.15 5.73
C PRO A 275 9.01 -3.82 4.98
N ARG A 276 9.46 -3.77 3.72
CA ARG A 276 9.22 -2.61 2.84
C ARG A 276 7.72 -2.36 2.68
N PRO A 277 7.21 -1.14 2.99
CA PRO A 277 5.80 -0.84 2.78
C PRO A 277 5.51 -0.99 1.28
N ASP A 278 4.29 -1.35 0.95
CA ASP A 278 3.91 -1.66 -0.46
C ASP A 278 4.02 -0.36 -1.27
N GLY A 279 4.79 -0.37 -2.36
CA GLY A 279 5.04 0.82 -3.20
C GLY A 279 5.97 1.86 -2.61
N CYS A 280 6.61 1.58 -1.50
CA CYS A 280 7.59 2.52 -0.88
C CYS A 280 8.76 2.66 -1.86
N PRO A 281 9.13 3.89 -2.30
CA PRO A 281 10.31 4.08 -3.16
C PRO A 281 11.59 3.44 -2.57
N ASP A 282 12.46 2.94 -3.46
CA ASP A 282 13.66 2.19 -3.01
C ASP A 282 14.45 3.08 -2.05
N GLU A 283 14.60 4.37 -2.33
CA GLU A 283 15.52 5.24 -1.54
C GLU A 283 14.93 5.53 -0.18
N ILE A 284 13.62 5.52 -0.08
CA ILE A 284 12.92 5.66 1.24
C ILE A 284 13.04 4.38 2.06
N TYR A 285 12.88 3.22 1.47
CA TYR A 285 13.10 1.95 2.20
C TYR A 285 14.56 1.88 2.66
N MET A 286 15.51 2.24 1.79
CA MET A 286 16.93 2.27 2.16
C MET A 286 17.14 3.19 3.40
N ILE A 287 16.53 4.37 3.43
CA ILE A 287 16.66 5.33 4.58
C ILE A 287 16.17 4.62 5.86
N MET A 288 15.05 3.91 5.78
CA MET A 288 14.43 3.17 6.92
C MET A 288 15.42 2.13 7.44
N THR A 289 15.99 1.34 6.54
CA THR A 289 16.91 0.22 6.87
C THR A 289 18.19 0.77 7.51
N GLU A 290 18.66 1.93 7.09
CA GLU A 290 19.86 2.56 7.70
C GLU A 290 19.56 3.11 9.09
N CYS A 291 18.38 3.69 9.28
CA CYS A 291 17.89 4.12 10.61
C CYS A 291 17.86 2.92 11.56
N TRP A 292 17.55 1.74 11.06
CA TRP A 292 17.42 0.51 11.87
C TRP A 292 18.72 -0.30 11.90
N ASN A 293 19.88 0.32 11.74
CA ASN A 293 21.17 -0.35 12.01
C ASN A 293 21.27 -0.69 13.51
N ASN A 294 21.75 -1.88 13.84
CA ASN A 294 21.94 -2.35 15.23
C ASN A 294 22.98 -1.41 15.88
N ASN A 295 23.93 -0.92 15.11
CA ASN A 295 25.00 -0.06 15.68
C ASN A 295 24.56 1.39 15.69
N VAL A 296 24.53 1.98 16.86
CA VAL A 296 24.06 3.37 17.08
C VAL A 296 24.91 4.29 16.18
N ASN A 297 26.18 3.95 16.03
CA ASN A 297 27.16 4.86 15.39
C ASN A 297 27.06 4.79 13.87
N GLN A 298 26.29 3.89 13.31
CA GLN A 298 26.09 3.72 11.85
C GLN A 298 24.73 4.26 11.41
N ARG A 299 23.96 4.87 12.31
CA ARG A 299 22.64 5.42 11.92
C ARG A 299 22.87 6.80 11.35
N PRO A 300 22.08 7.23 10.34
CA PRO A 300 22.20 8.59 9.80
C PRO A 300 21.95 9.69 10.84
N SER A 301 22.46 10.88 10.53
CA SER A 301 22.16 12.16 11.24
C SER A 301 20.80 12.70 10.74
N PHE A 302 20.06 13.43 11.57
CA PHE A 302 18.83 14.11 11.09
C PHE A 302 19.11 15.15 9.98
N ARG A 303 20.27 15.78 10.00
CA ARG A 303 20.63 16.74 8.91
C ARG A 303 20.70 15.97 7.57
N ASP A 304 21.39 14.83 7.53
CA ASP A 304 21.47 13.95 6.37
C ASP A 304 20.12 13.42 5.90
N LEU A 305 19.31 12.96 6.87
CA LEU A 305 17.94 12.47 6.54
C LEU A 305 17.14 13.58 5.84
N ALA A 306 17.11 14.78 6.42
CA ALA A 306 16.37 15.92 5.81
C ALA A 306 16.83 16.12 4.36
N LEU A 307 18.14 16.15 4.13
CA LEU A 307 18.70 16.37 2.78
CA LEU A 307 18.70 16.38 2.78
C LEU A 307 18.24 15.25 1.86
N ARG A 308 18.25 13.99 2.35
CA ARG A 308 18.01 12.88 1.43
C ARG A 308 16.53 12.82 1.10
N VAL A 309 15.67 12.95 2.12
CA VAL A 309 14.20 13.08 1.93
C VAL A 309 13.89 14.27 0.96
N ASP A 310 14.50 15.42 1.17
CA ASP A 310 14.21 16.60 0.30
C ASP A 310 14.56 16.23 -1.14
N GLN A 311 15.66 15.49 -1.34
CA GLN A 311 16.12 15.17 -2.70
C GLN A 311 15.18 14.16 -3.35
N ILE A 312 14.76 13.12 -2.61
CA ILE A 312 13.75 12.16 -3.13
C ILE A 312 12.49 12.95 -3.54
N ARG A 313 12.06 13.88 -2.71
CA ARG A 313 10.83 14.64 -2.99
C ARG A 313 10.96 15.44 -4.31
N ASP A 314 12.06 16.15 -4.51
CA ASP A 314 12.31 16.94 -5.75
C ASP A 314 12.39 16.00 -6.94
N ASN A 315 13.12 14.89 -6.80
CA ASN A 315 13.33 13.88 -7.86
C ASN A 315 11.97 13.36 -8.32
N MET A 316 10.96 13.41 -7.45
CA MET A 316 9.62 12.88 -7.76
C MET A 316 8.73 13.95 -8.43
N THR B 28 4.31 -27.28 -35.50
CA THR B 28 4.80 -28.46 -34.76
C THR B 28 3.60 -29.25 -34.22
N GLN B 29 3.55 -30.53 -34.55
CA GLN B 29 2.63 -31.54 -33.93
C GLN B 29 3.30 -32.00 -32.64
N PHE B 30 2.53 -32.21 -31.59
CA PHE B 30 3.01 -32.77 -30.30
C PHE B 30 2.33 -34.11 -30.06
N GLU B 31 3.12 -35.18 -29.91
CA GLU B 31 2.58 -36.53 -29.60
C GLU B 31 2.39 -36.67 -28.08
N GLU B 32 1.22 -37.17 -27.68
CA GLU B 32 0.85 -37.39 -26.26
C GLU B 32 1.93 -38.21 -25.54
N ARG B 33 2.43 -39.21 -26.25
CA ARG B 33 3.36 -40.21 -25.69
C ARG B 33 4.65 -39.51 -25.22
N HIS B 34 5.01 -38.36 -25.77
CA HIS B 34 6.25 -37.62 -25.41
C HIS B 34 5.96 -36.50 -24.41
N LEU B 35 4.70 -36.25 -24.05
CA LEU B 35 4.31 -35.15 -23.16
C LEU B 35 4.31 -35.70 -21.73
N LYS B 36 5.21 -35.21 -20.89
CA LYS B 36 5.46 -35.79 -19.57
C LYS B 36 5.00 -34.80 -18.52
N PHE B 37 3.97 -35.18 -17.76
CA PHE B 37 3.35 -34.33 -16.74
C PHE B 37 4.38 -34.05 -15.65
N LEU B 38 4.59 -32.77 -15.31
CA LEU B 38 5.51 -32.38 -14.21
C LEU B 38 4.74 -31.83 -13.04
N GLN B 39 3.78 -30.92 -13.24
CA GLN B 39 3.08 -30.29 -12.12
C GLN B 39 1.82 -29.61 -12.65
N GLN B 40 0.77 -29.57 -11.84
CA GLN B 40 -0.44 -28.77 -12.05
C GLN B 40 -0.18 -27.27 -11.81
N LEU B 41 -0.36 -26.41 -12.81
CA LEU B 41 -0.19 -24.93 -12.67
C LEU B 41 -1.49 -24.32 -12.13
N GLY B 42 -2.62 -24.83 -12.55
CA GLY B 42 -3.93 -24.38 -12.07
C GLY B 42 -5.06 -25.27 -12.55
N LYS B 43 -6.22 -25.05 -11.97
CA LYS B 43 -7.42 -25.91 -12.09
C LYS B 43 -8.62 -24.98 -12.03
N GLY B 44 -9.52 -25.09 -12.99
CA GLY B 44 -10.77 -24.33 -13.02
C GLY B 44 -11.95 -25.27 -13.06
N ASN B 45 -13.15 -24.70 -13.05
CA ASN B 45 -14.41 -25.45 -13.29
C ASN B 45 -14.29 -26.36 -14.51
N PHE B 46 -13.86 -25.87 -15.67
CA PHE B 46 -13.97 -26.65 -16.93
C PHE B 46 -12.59 -26.98 -17.49
N GLY B 47 -11.50 -26.50 -16.87
CA GLY B 47 -10.16 -26.60 -17.46
C GLY B 47 -9.07 -26.92 -16.46
N SER B 48 -7.93 -27.39 -16.96
CA SER B 48 -6.69 -27.53 -16.18
C SER B 48 -5.51 -27.00 -17.02
N VAL B 49 -4.53 -26.40 -16.36
CA VAL B 49 -3.22 -26.07 -16.99
C VAL B 49 -2.15 -26.86 -16.25
N GLU B 50 -1.29 -27.54 -17.02
CA GLU B 50 -0.16 -28.36 -16.51
C GLU B 50 1.18 -27.97 -17.14
N MET B 51 2.25 -27.89 -16.32
CA MET B 51 3.66 -27.93 -16.77
C MET B 51 4.02 -29.35 -17.21
N CYS B 52 4.41 -29.50 -18.46
CA CYS B 52 4.92 -30.79 -18.97
C CYS B 52 6.29 -30.59 -19.62
N ARG B 53 7.09 -31.65 -19.66
CA ARG B 53 8.30 -31.72 -20.51
C ARG B 53 7.91 -32.37 -21.83
N TYR B 54 8.19 -31.74 -22.95
CA TYR B 54 8.00 -32.41 -24.25
C TYR B 54 9.32 -33.10 -24.55
N ASP B 55 9.34 -34.44 -24.43
CA ASP B 55 10.59 -35.25 -24.41
C ASP B 55 10.51 -36.39 -25.43
N PRO B 56 10.65 -36.11 -26.74
CA PRO B 56 10.72 -37.16 -27.76
C PRO B 56 11.98 -38.03 -27.65
N LEU B 57 13.02 -37.53 -26.97
CA LEU B 57 14.31 -38.25 -26.77
C LEU B 57 14.31 -38.91 -25.39
N GLN B 58 13.22 -38.78 -24.62
CA GLN B 58 13.00 -39.50 -23.33
C GLN B 58 14.29 -39.57 -22.52
N ASP B 59 14.94 -38.43 -22.33
CA ASP B 59 16.19 -38.33 -21.54
C ASP B 59 16.13 -37.10 -20.62
N ASN B 60 14.92 -36.60 -20.34
CA ASN B 60 14.71 -35.51 -19.38
C ASN B 60 15.27 -34.20 -19.97
N THR B 61 15.56 -34.18 -21.28
CA THR B 61 16.22 -33.03 -21.97
C THR B 61 15.20 -32.13 -22.66
N GLY B 62 14.03 -32.65 -22.97
CA GLY B 62 13.08 -31.91 -23.82
C GLY B 62 12.60 -30.63 -23.13
N GLU B 63 11.85 -29.81 -23.87
CA GLU B 63 11.47 -28.43 -23.49
C GLU B 63 10.24 -28.48 -22.57
N VAL B 64 10.23 -27.64 -21.54
CA VAL B 64 9.08 -27.48 -20.64
C VAL B 64 8.03 -26.58 -21.32
N VAL B 65 6.78 -26.99 -21.30
CA VAL B 65 5.65 -26.29 -21.98
C VAL B 65 4.48 -26.29 -20.99
N ALA B 66 3.54 -25.39 -21.20
CA ALA B 66 2.25 -25.28 -20.49
C ALA B 66 1.20 -25.94 -21.37
N VAL B 67 0.37 -26.79 -20.78
CA VAL B 67 -0.63 -27.61 -21.51
C VAL B 67 -1.97 -27.37 -20.86
N LYS B 68 -2.91 -26.86 -21.65
CA LYS B 68 -4.29 -26.60 -21.19
C LYS B 68 -5.15 -27.70 -21.77
N LYS B 69 -6.04 -28.21 -20.92
CA LYS B 69 -6.97 -29.29 -21.27
C LYS B 69 -8.30 -29.06 -20.58
N LEU B 70 -9.35 -29.65 -21.12
CA LEU B 70 -10.71 -29.61 -20.54
C LEU B 70 -10.75 -30.68 -19.46
N GLN B 71 -11.51 -30.44 -18.41
CA GLN B 71 -11.51 -31.31 -17.21
C GLN B 71 -12.43 -32.48 -17.53
N HIS B 72 -13.71 -32.20 -17.70
CA HIS B 72 -14.77 -33.17 -18.08
C HIS B 72 -15.53 -32.58 -19.27
N SER B 73 -14.90 -32.60 -20.43
CA SER B 73 -15.35 -31.91 -21.67
C SER B 73 -16.79 -32.28 -21.98
N THR B 74 -17.61 -31.27 -22.29
CA THR B 74 -18.82 -31.37 -23.12
C THR B 74 -18.40 -31.20 -24.58
N GLU B 75 -19.34 -31.39 -25.50
CA GLU B 75 -19.21 -30.99 -26.92
C GLU B 75 -19.23 -29.46 -27.00
N GLU B 76 -19.96 -28.82 -26.08
CA GLU B 76 -20.14 -27.35 -26.09
C GLU B 76 -18.87 -26.65 -25.58
N HIS B 77 -18.27 -27.15 -24.48
CA HIS B 77 -16.97 -26.67 -23.93
C HIS B 77 -15.86 -26.93 -24.94
N LEU B 78 -15.93 -28.07 -25.62
CA LEU B 78 -14.95 -28.48 -26.64
C LEU B 78 -14.99 -27.47 -27.80
N ARG B 79 -16.18 -27.09 -28.24
CA ARG B 79 -16.35 -26.11 -29.34
C ARG B 79 -15.70 -24.78 -28.95
N ASP B 80 -16.02 -24.29 -27.76
CA ASP B 80 -15.43 -23.06 -27.16
C ASP B 80 -13.91 -23.19 -27.12
N PHE B 81 -13.41 -24.37 -26.76
CA PHE B 81 -11.95 -24.56 -26.59
C PHE B 81 -11.27 -24.53 -27.97
N GLU B 82 -11.88 -25.15 -28.98
CA GLU B 82 -11.38 -25.08 -30.35
C GLU B 82 -11.29 -23.61 -30.78
N ARG B 83 -12.30 -22.80 -30.47
CA ARG B 83 -12.28 -21.37 -30.85
C ARG B 83 -11.18 -20.66 -30.05
N GLU B 84 -11.00 -21.01 -28.77
CA GLU B 84 -9.95 -20.41 -27.92
C GLU B 84 -8.59 -20.70 -28.55
N ILE B 85 -8.37 -21.92 -28.97
CA ILE B 85 -7.10 -22.35 -29.65
C ILE B 85 -6.82 -21.46 -30.86
N GLU B 86 -7.80 -21.28 -31.76
CA GLU B 86 -7.65 -20.50 -33.01
C GLU B 86 -7.42 -19.03 -32.68
N ILE B 87 -8.07 -18.52 -31.65
CA ILE B 87 -7.80 -17.14 -31.16
C ILE B 87 -6.31 -17.03 -30.80
N LEU B 88 -5.78 -17.96 -30.01
CA LEU B 88 -4.40 -17.82 -29.51
C LEU B 88 -3.41 -18.02 -30.67
N LYS B 89 -3.71 -18.95 -31.56
CA LYS B 89 -2.88 -19.26 -32.74
C LYS B 89 -2.80 -17.99 -33.60
N SER B 90 -3.86 -17.17 -33.61
CA SER B 90 -3.89 -15.97 -34.50
C SER B 90 -3.08 -14.80 -33.90
N LEU B 91 -2.72 -14.89 -32.62
CA LEU B 91 -2.01 -13.81 -31.89
C LEU B 91 -0.49 -14.02 -31.85
N GLN B 92 0.25 -13.00 -32.29
CA GLN B 92 1.72 -13.01 -32.36
C GLN B 92 2.16 -11.68 -31.77
N HIS B 93 2.62 -11.65 -30.51
CA HIS B 93 2.89 -10.34 -29.87
C HIS B 93 3.78 -10.58 -28.67
N ASP B 94 4.70 -9.65 -28.41
CA ASP B 94 5.63 -9.77 -27.25
C ASP B 94 4.86 -9.96 -25.93
N ASN B 95 3.68 -9.39 -25.78
CA ASN B 95 2.95 -9.39 -24.50
C ASN B 95 1.77 -10.36 -24.54
N ILE B 96 1.77 -11.33 -25.46
CA ILE B 96 0.76 -12.43 -25.50
C ILE B 96 1.47 -13.78 -25.39
N VAL B 97 1.07 -14.61 -24.45
CA VAL B 97 1.70 -15.95 -24.27
C VAL B 97 1.72 -16.68 -25.63
N LYS B 98 2.86 -17.31 -25.98
CA LYS B 98 3.08 -17.95 -27.28
C LYS B 98 2.27 -19.25 -27.38
N TYR B 99 1.45 -19.36 -28.40
CA TYR B 99 0.94 -20.62 -28.97
C TYR B 99 2.11 -21.46 -29.49
N LYS B 100 2.17 -22.74 -29.15
CA LYS B 100 3.21 -23.64 -29.72
C LYS B 100 2.54 -24.69 -30.60
N GLY B 101 1.35 -25.15 -30.24
CA GLY B 101 0.64 -26.14 -31.05
C GLY B 101 -0.45 -26.82 -30.24
N VAL B 102 -0.92 -27.96 -30.73
CA VAL B 102 -2.02 -28.76 -30.13
C VAL B 102 -1.53 -30.23 -29.96
N CYS B 103 -2.17 -30.97 -29.06
CA CYS B 103 -1.87 -32.39 -28.75
C CYS B 103 -3.21 -33.12 -28.76
N TYR B 104 -3.35 -34.14 -29.61
CA TYR B 104 -4.51 -35.07 -29.56
C TYR B 104 -4.17 -36.37 -28.83
N SER B 105 -5.03 -36.84 -27.94
CA SER B 105 -5.03 -38.26 -27.49
C SER B 105 -5.38 -39.18 -28.67
N ALA B 106 -5.09 -40.47 -28.51
CA ALA B 106 -5.35 -41.55 -29.49
C ALA B 106 -6.72 -41.30 -30.13
N GLY B 107 -6.79 -41.38 -31.46
CA GLY B 107 -8.06 -41.39 -32.20
C GLY B 107 -8.55 -39.98 -32.35
N ARG B 108 -7.69 -39.00 -32.11
CA ARG B 108 -7.99 -37.54 -32.10
C ARG B 108 -9.16 -37.25 -31.15
N ARG B 109 -9.16 -37.91 -30.01
CA ARG B 109 -10.30 -37.86 -29.06
C ARG B 109 -10.22 -36.57 -28.24
N ASN B 110 -9.06 -36.18 -27.75
CA ASN B 110 -9.00 -35.11 -26.71
C ASN B 110 -8.04 -34.02 -27.19
N LEU B 111 -8.46 -32.75 -27.23
CA LEU B 111 -7.58 -31.65 -27.69
C LEU B 111 -6.89 -31.06 -26.47
N LYS B 112 -5.59 -30.84 -26.59
CA LYS B 112 -4.80 -30.07 -25.61
C LYS B 112 -4.11 -28.94 -26.37
N LEU B 113 -4.04 -27.80 -25.70
CA LEU B 113 -3.41 -26.56 -26.19
C LEU B 113 -2.02 -26.49 -25.58
N ILE B 114 -0.99 -26.42 -26.40
CA ILE B 114 0.40 -26.30 -25.92
C ILE B 114 0.85 -24.87 -26.12
N MET B 115 1.43 -24.31 -25.05
CA MET B 115 1.90 -22.92 -24.89
C MET B 115 3.32 -22.94 -24.37
N GLU B 116 4.01 -21.85 -24.53
CA GLU B 116 5.29 -21.64 -23.83
C GLU B 116 5.02 -21.66 -22.33
N TYR B 117 5.96 -22.16 -21.55
CA TYR B 117 5.93 -22.17 -20.06
C TYR B 117 6.62 -20.90 -19.58
N LEU B 118 5.96 -20.04 -18.79
CA LEU B 118 6.58 -18.80 -18.27
C LEU B 118 6.87 -19.03 -16.79
N PRO B 119 8.16 -19.12 -16.43
CA PRO B 119 8.57 -19.70 -15.14
C PRO B 119 8.13 -18.92 -13.87
N TYR B 120 7.69 -17.65 -13.96
CA TYR B 120 7.38 -16.82 -12.77
C TYR B 120 5.88 -16.80 -12.51
N GLY B 121 5.08 -17.37 -13.41
CA GLY B 121 3.65 -17.60 -13.20
C GLY B 121 2.81 -16.36 -13.33
N SER B 122 1.66 -16.33 -12.64
CA SER B 122 0.68 -15.23 -12.79
C SER B 122 1.27 -13.98 -12.17
N LEU B 123 0.93 -12.82 -12.73
CA LEU B 123 1.32 -11.54 -12.10
C LEU B 123 0.77 -11.46 -10.68
N ARG B 124 -0.47 -11.93 -10.51
CA ARG B 124 -1.12 -11.97 -9.19
C ARG B 124 -0.17 -12.65 -8.22
N ASP B 125 0.28 -13.86 -8.54
CA ASP B 125 1.13 -14.61 -7.58
C ASP B 125 2.53 -14.00 -7.46
N TYR B 126 3.07 -13.54 -8.57
CA TYR B 126 4.45 -12.98 -8.59
C TYR B 126 4.50 -11.75 -7.69
N LEU B 127 3.46 -10.91 -7.74
CA LEU B 127 3.44 -9.64 -7.03
C LEU B 127 3.24 -9.92 -5.54
N GLN B 128 2.35 -10.83 -5.19
CA GLN B 128 2.21 -11.25 -3.79
C GLN B 128 3.54 -11.74 -3.23
N LYS B 129 4.27 -12.48 -4.03
CA LYS B 129 5.54 -13.07 -3.56
C LYS B 129 6.61 -11.96 -3.45
N HIS B 130 6.75 -11.12 -4.50
CA HIS B 130 7.98 -10.31 -4.70
C HIS B 130 7.71 -8.82 -4.49
N LYS B 131 6.58 -8.48 -3.89
CA LYS B 131 6.14 -7.06 -3.76
C LYS B 131 7.22 -6.19 -3.10
N GLU B 132 7.98 -6.73 -2.14
CA GLU B 132 9.00 -5.90 -1.43
C GLU B 132 10.11 -5.45 -2.38
N ARG B 133 10.16 -5.96 -3.60
CA ARG B 133 11.22 -5.62 -4.56
C ARG B 133 10.62 -5.02 -5.83
N ILE B 134 9.33 -4.69 -5.78
CA ILE B 134 8.61 -4.11 -6.96
C ILE B 134 8.09 -2.72 -6.60
N ASP B 135 8.64 -1.68 -7.21
CA ASP B 135 8.21 -0.29 -6.93
C ASP B 135 7.17 0.14 -7.98
N HIS B 136 6.74 1.38 -7.88
CA HIS B 136 5.70 1.96 -8.75
C HIS B 136 6.17 1.99 -10.21
N ILE B 137 7.46 2.26 -10.42
CA ILE B 137 8.08 2.25 -11.75
C ILE B 137 7.87 0.88 -12.39
N LYS B 138 8.17 -0.18 -11.66
CA LYS B 138 7.97 -1.54 -12.18
C LYS B 138 6.47 -1.80 -12.47
N LEU B 139 5.60 -1.45 -11.57
CA LEU B 139 4.16 -1.65 -11.83
C LEU B 139 3.76 -0.98 -13.15
N LEU B 140 4.26 0.22 -13.37
CA LEU B 140 3.91 0.97 -14.59
C LEU B 140 4.54 0.31 -15.80
N GLN B 141 5.70 -0.36 -15.66
CA GLN B 141 6.23 -1.09 -16.80
C GLN B 141 5.26 -2.24 -17.17
N TYR B 142 4.82 -3.01 -16.18
CA TYR B 142 3.84 -4.08 -16.43
C TYR B 142 2.56 -3.54 -17.03
N THR B 143 2.14 -2.40 -16.50
CA THR B 143 0.84 -1.81 -16.90
C THR B 143 0.89 -1.45 -18.37
N SER B 144 2.02 -0.87 -18.79
CA SER B 144 2.27 -0.44 -20.17
C SER B 144 2.15 -1.65 -21.11
N GLN B 145 2.76 -2.76 -20.72
CA GLN B 145 2.84 -3.99 -21.52
C GLN B 145 1.46 -4.61 -21.64
N ILE B 146 0.70 -4.64 -20.53
CA ILE B 146 -0.72 -5.08 -20.64
C ILE B 146 -1.48 -4.21 -21.66
N CYS B 147 -1.35 -2.89 -21.60
CA CYS B 147 -2.05 -1.98 -22.56
C CYS B 147 -1.71 -2.33 -24.00
N LYS B 148 -0.42 -2.58 -24.29
CA LYS B 148 0.02 -2.94 -25.64
C LYS B 148 -0.56 -4.27 -26.07
N GLY B 149 -0.55 -5.28 -25.20
CA GLY B 149 -1.24 -6.52 -25.58
C GLY B 149 -2.72 -6.30 -25.88
N MET B 150 -3.40 -5.56 -25.01
CA MET B 150 -4.83 -5.19 -25.20
C MET B 150 -5.07 -4.36 -26.49
N GLU B 151 -4.17 -3.46 -26.83
CA GLU B 151 -4.29 -2.65 -28.06
C GLU B 151 -4.27 -3.60 -29.25
N TYR B 152 -3.38 -4.60 -29.20
CA TYR B 152 -3.18 -5.58 -30.29
C TYR B 152 -4.46 -6.40 -30.44
N LEU B 153 -4.99 -6.93 -29.32
CA LEU B 153 -6.27 -7.69 -29.30
C LEU B 153 -7.30 -6.87 -30.02
N GLY B 154 -7.37 -5.61 -29.65
CA GLY B 154 -8.31 -4.65 -30.25
C GLY B 154 -8.26 -4.71 -31.77
N THR B 155 -7.05 -4.72 -32.39
CA THR B 155 -6.89 -4.68 -33.86
C THR B 155 -7.48 -5.94 -34.48
N LYS B 156 -7.56 -7.06 -33.74
CA LYS B 156 -8.18 -8.31 -34.23
C LYS B 156 -9.67 -8.33 -33.92
N ARG B 157 -10.23 -7.28 -33.29
CA ARG B 157 -11.68 -7.23 -32.94
C ARG B 157 -11.95 -8.36 -31.94
N TYR B 158 -11.00 -8.66 -31.05
CA TYR B 158 -11.16 -9.66 -29.98
C TYR B 158 -11.42 -8.92 -28.67
N ILE B 159 -12.43 -9.36 -27.93
CA ILE B 159 -12.79 -8.84 -26.60
C ILE B 159 -12.36 -9.92 -25.61
N HIS B 160 -11.54 -9.57 -24.64
CA HIS B 160 -10.87 -10.51 -23.74
C HIS B 160 -11.92 -10.98 -22.73
N ARG B 161 -12.63 -10.02 -22.12
CA ARG B 161 -13.71 -10.29 -21.13
C ARG B 161 -13.15 -10.64 -19.75
N ASP B 162 -11.89 -11.10 -19.59
CA ASP B 162 -11.39 -11.66 -18.31
C ASP B 162 -10.07 -11.00 -17.90
N LEU B 163 -9.93 -9.70 -18.12
CA LEU B 163 -8.64 -9.01 -17.82
C LEU B 163 -8.51 -8.89 -16.30
N ALA B 164 -7.54 -9.61 -15.73
CA ALA B 164 -7.31 -9.75 -14.28
C ALA B 164 -5.86 -10.17 -14.11
N THR B 165 -5.19 -9.79 -13.02
CA THR B 165 -3.78 -10.10 -12.77
C THR B 165 -3.62 -11.64 -12.71
N ARG B 166 -4.66 -12.38 -12.37
CA ARG B 166 -4.51 -13.86 -12.36
C ARG B 166 -4.38 -14.35 -13.80
N ASN B 167 -4.67 -13.52 -14.81
CA ASN B 167 -4.62 -14.00 -16.22
C ASN B 167 -3.49 -13.37 -16.99
N ILE B 168 -2.60 -12.69 -16.29
CA ILE B 168 -1.33 -12.19 -16.85
C ILE B 168 -0.17 -13.04 -16.32
N LEU B 169 0.81 -13.29 -17.16
CA LEU B 169 1.96 -14.16 -16.82
C LEU B 169 3.27 -13.37 -16.88
N VAL B 170 4.23 -13.75 -16.05
CA VAL B 170 5.54 -13.05 -15.87
C VAL B 170 6.59 -13.93 -16.52
N GLU B 171 7.17 -13.44 -17.60
CA GLU B 171 8.25 -14.16 -18.30
C GLU B 171 9.55 -13.90 -17.52
N ASN B 172 9.79 -12.63 -17.19
CA ASN B 172 10.95 -12.25 -16.34
C ASN B 172 10.65 -10.91 -15.67
N GLU B 173 11.61 -10.42 -14.92
CA GLU B 173 11.52 -9.17 -14.12
C GLU B 173 11.02 -7.99 -14.98
N ASN B 174 11.18 -8.04 -16.30
CA ASN B 174 10.91 -6.89 -17.23
C ASN B 174 9.90 -7.22 -18.32
N ARG B 175 9.21 -8.35 -18.27
CA ARG B 175 8.23 -8.67 -19.34
C ARG B 175 7.06 -9.50 -18.78
N VAL B 176 5.84 -9.02 -19.01
CA VAL B 176 4.60 -9.79 -18.68
C VAL B 176 3.83 -10.03 -19.99
N LYS B 177 2.95 -11.01 -19.96
CA LYS B 177 2.16 -11.39 -21.15
C LYS B 177 0.73 -11.71 -20.69
N ILE B 178 -0.24 -11.30 -21.46
CA ILE B 178 -1.61 -11.87 -21.27
C ILE B 178 -1.51 -13.39 -21.54
N GLY B 179 -2.09 -14.21 -20.66
CA GLY B 179 -1.74 -15.63 -20.64
C GLY B 179 -2.92 -16.53 -20.63
N ASP B 180 -4.12 -16.03 -20.88
CA ASP B 180 -5.33 -16.88 -21.04
C ASP B 180 -6.36 -16.17 -21.91
N PHE B 181 -7.05 -16.92 -22.79
CA PHE B 181 -8.04 -16.36 -23.73
C PHE B 181 -9.34 -17.15 -23.65
N GLY B 182 -9.59 -17.77 -22.51
CA GLY B 182 -10.71 -18.72 -22.33
C GLY B 182 -12.10 -18.11 -22.38
N LEU B 183 -12.23 -16.80 -22.17
CA LEU B 183 -13.54 -16.12 -22.34
C LEU B 183 -13.56 -15.18 -23.58
N THR B 184 -12.50 -15.17 -24.40
CA THR B 184 -12.31 -14.13 -25.43
C THR B 184 -13.32 -14.39 -26.55
N LYS B 185 -14.01 -13.35 -27.03
CA LYS B 185 -15.02 -13.41 -28.11
C LYS B 185 -14.50 -12.53 -29.25
N VAL B 186 -14.91 -12.89 -30.47
CA VAL B 186 -14.71 -12.13 -31.72
C VAL B 186 -15.93 -11.23 -31.88
N LEU B 187 -15.75 -9.94 -32.11
CA LEU B 187 -16.92 -9.06 -32.37
C LEU B 187 -17.70 -9.54 -33.60
N PRO B 188 -19.05 -9.44 -33.62
CA PRO B 188 -19.81 -9.59 -34.87
C PRO B 188 -19.21 -8.63 -35.91
N GLN B 189 -19.47 -8.90 -37.16
CA GLN B 189 -18.89 -8.16 -38.28
C GLN B 189 -19.44 -6.74 -38.24
N ASP B 190 -20.68 -6.59 -37.81
CA ASP B 190 -21.39 -5.32 -38.00
C ASP B 190 -21.65 -4.62 -36.67
N LYS B 191 -21.02 -5.04 -35.55
CA LYS B 191 -21.24 -4.40 -34.23
C LYS B 191 -19.94 -4.19 -33.47
N GLU B 192 -19.95 -3.31 -32.48
CA GLU B 192 -18.78 -3.03 -31.63
C GLU B 192 -18.92 -3.67 -30.26
N PTR B 193 -19.95 -4.51 -30.05
CA PTR B 193 -20.10 -5.29 -28.83
C PTR B 193 -20.49 -6.71 -29.19
O PTR B 193 -21.04 -6.96 -30.29
CB PTR B 193 -21.13 -4.66 -27.87
CG PTR B 193 -22.50 -4.51 -28.47
CD1 PTR B 193 -22.80 -3.41 -29.26
CD2 PTR B 193 -23.47 -5.51 -28.35
CE1 PTR B 193 -24.02 -3.29 -29.87
CE2 PTR B 193 -24.73 -5.39 -28.92
CZ PTR B 193 -24.98 -4.26 -29.67
OH PTR B 193 -26.18 -4.05 -30.37
P PTR B 193 -27.62 -4.46 -29.91
O1P PTR B 193 -27.71 -5.98 -29.87
O2P PTR B 193 -27.76 -3.79 -28.55
O3P PTR B 193 -28.59 -3.88 -30.89
N PTR B 194 -20.26 -7.63 -28.25
CA PTR B 194 -20.78 -8.97 -28.27
C PTR B 194 -21.69 -9.22 -27.06
O PTR B 194 -21.30 -8.88 -25.91
CB PTR B 194 -19.58 -9.91 -28.25
CG PTR B 194 -19.92 -11.36 -28.39
CD1 PTR B 194 -19.94 -11.95 -29.64
CD2 PTR B 194 -20.19 -12.15 -27.27
CE1 PTR B 194 -20.31 -13.28 -29.79
CE2 PTR B 194 -20.54 -13.49 -27.40
CZ PTR B 194 -20.56 -14.04 -28.66
OH PTR B 194 -20.91 -15.39 -28.73
P PTR B 194 -20.84 -16.28 -30.00
O1P PTR B 194 -19.44 -16.12 -30.57
O2P PTR B 194 -21.85 -15.60 -30.84
O3P PTR B 194 -21.19 -17.74 -29.86
N LYS B 195 -22.85 -9.82 -27.30
CA LYS B 195 -23.76 -10.12 -26.19
C LYS B 195 -23.66 -11.62 -25.92
N VAL B 196 -23.26 -11.97 -24.68
CA VAL B 196 -23.04 -13.37 -24.26
C VAL B 196 -24.40 -13.92 -23.83
N LYS B 197 -24.94 -14.87 -24.62
CA LYS B 197 -26.12 -15.70 -24.28
C LYS B 197 -25.58 -16.94 -23.55
N GLU B 201 -20.18 -19.02 -13.87
CA GLU B 201 -19.88 -17.85 -13.02
C GLU B 201 -18.93 -16.90 -13.75
N SER B 202 -19.06 -15.63 -13.46
CA SER B 202 -18.41 -14.53 -14.18
C SER B 202 -17.60 -13.79 -13.13
N PRO B 203 -16.46 -13.14 -13.49
CA PRO B 203 -15.71 -12.31 -12.53
C PRO B 203 -16.36 -10.93 -12.34
N ILE B 204 -17.46 -10.89 -11.60
CA ILE B 204 -18.41 -9.76 -11.61
C ILE B 204 -17.72 -8.54 -11.02
N PHE B 205 -16.75 -8.72 -10.12
CA PHE B 205 -16.10 -7.58 -9.47
C PHE B 205 -15.05 -6.96 -10.43
N TRP B 206 -14.92 -7.46 -11.67
CA TRP B 206 -14.07 -6.86 -12.72
C TRP B 206 -14.96 -6.35 -13.88
N TYR B 207 -16.27 -6.50 -13.74
CA TYR B 207 -17.18 -6.30 -14.88
C TYR B 207 -17.71 -4.86 -14.92
N ALA B 208 -17.78 -4.31 -16.14
CA ALA B 208 -18.43 -3.02 -16.47
C ALA B 208 -19.94 -3.13 -16.21
N PRO B 209 -20.62 -2.03 -15.85
CA PRO B 209 -22.03 -2.06 -15.53
C PRO B 209 -22.85 -2.71 -16.65
N GLU B 210 -22.52 -2.43 -17.91
CA GLU B 210 -23.32 -2.92 -19.06
C GLU B 210 -23.07 -4.39 -19.29
N SER B 211 -21.91 -4.91 -18.85
CA SER B 211 -21.63 -6.34 -18.82
C SER B 211 -22.56 -7.01 -17.79
N LEU B 212 -22.70 -6.45 -16.58
CA LEU B 212 -23.56 -6.95 -15.49
C LEU B 212 -25.01 -6.87 -15.92
N THR B 213 -25.47 -5.77 -16.50
CA THR B 213 -26.94 -5.59 -16.71
C THR B 213 -27.40 -6.24 -18.04
N GLU B 214 -26.59 -6.19 -19.09
CA GLU B 214 -27.03 -6.55 -20.49
C GLU B 214 -26.13 -7.61 -21.09
N SER B 215 -25.11 -8.10 -20.35
CA SER B 215 -24.05 -9.01 -20.86
C SER B 215 -23.47 -8.49 -22.18
N LYS B 216 -23.23 -7.19 -22.27
CA LYS B 216 -22.61 -6.55 -23.44
C LYS B 216 -21.12 -6.43 -23.15
N PHE B 217 -20.30 -6.97 -24.05
CA PHE B 217 -18.84 -6.96 -23.93
C PHE B 217 -18.26 -6.25 -25.14
N SER B 218 -17.32 -5.37 -24.87
CA SER B 218 -16.70 -4.49 -25.89
C SER B 218 -15.27 -4.18 -25.49
N VAL B 219 -14.60 -3.40 -26.35
CA VAL B 219 -13.29 -2.85 -25.99
C VAL B 219 -13.47 -1.99 -24.73
N ALA B 220 -14.51 -1.16 -24.68
CA ALA B 220 -14.83 -0.36 -23.47
C ALA B 220 -15.01 -1.18 -22.20
N SER B 221 -15.66 -2.35 -22.24
CA SER B 221 -15.73 -3.24 -21.05
C SER B 221 -14.32 -3.85 -20.74
N ASP B 222 -13.48 -4.02 -21.74
CA ASP B 222 -12.11 -4.45 -21.46
C ASP B 222 -11.40 -3.31 -20.72
N VAL B 223 -11.66 -2.03 -21.11
CA VAL B 223 -10.96 -0.87 -20.52
C VAL B 223 -11.39 -0.77 -19.06
N TRP B 224 -12.68 -0.92 -18.79
CA TRP B 224 -13.19 -0.97 -17.40
C TRP B 224 -12.40 -2.02 -16.63
N SER B 225 -12.29 -3.22 -17.17
CA SER B 225 -11.55 -4.31 -16.46
C SER B 225 -10.08 -3.96 -16.26
N PHE B 226 -9.48 -3.25 -17.22
CA PHE B 226 -8.09 -2.81 -17.07
C PHE B 226 -8.01 -1.88 -15.86
N GLY B 227 -8.99 -1.01 -15.65
CA GLY B 227 -8.95 -0.10 -14.52
C GLY B 227 -8.81 -0.90 -13.22
N VAL B 228 -9.51 -2.02 -13.15
CA VAL B 228 -9.49 -2.92 -12.00
C VAL B 228 -8.12 -3.62 -11.92
N VAL B 229 -7.52 -3.96 -13.05
CA VAL B 229 -6.11 -4.50 -13.03
C VAL B 229 -5.18 -3.45 -12.39
N LEU B 230 -5.26 -2.19 -12.81
CA LEU B 230 -4.44 -1.08 -12.26
C LEU B 230 -4.63 -0.97 -10.76
N TYR B 231 -5.89 -1.15 -10.30
CA TYR B 231 -6.26 -1.17 -8.88
C TYR B 231 -5.60 -2.35 -8.18
N GLU B 232 -5.74 -3.53 -8.73
CA GLU B 232 -5.04 -4.76 -8.20
C GLU B 232 -3.54 -4.50 -8.04
N LEU B 233 -2.89 -3.96 -9.07
CA LEU B 233 -1.42 -3.78 -9.03
C LEU B 233 -1.09 -2.75 -7.92
N PHE B 234 -1.84 -1.64 -7.83
CA PHE B 234 -1.43 -0.52 -6.94
C PHE B 234 -1.82 -0.85 -5.51
N THR B 235 -2.74 -1.81 -5.29
CA THR B 235 -2.99 -2.33 -3.92
C THR B 235 -2.03 -3.48 -3.63
N TYR B 236 -1.14 -3.84 -4.54
CA TYR B 236 -0.20 -4.98 -4.36
C TYR B 236 -0.92 -6.31 -4.02
N ILE B 237 -2.14 -6.51 -4.54
CA ILE B 237 -2.91 -7.78 -4.37
C ILE B 237 -3.14 -8.02 -2.86
N GLU B 238 -3.15 -6.99 -2.04
CA GLU B 238 -3.41 -7.17 -0.60
C GLU B 238 -4.84 -7.67 -0.42
N LYS B 239 -5.03 -8.80 0.27
CA LYS B 239 -6.39 -9.43 0.34
C LYS B 239 -7.40 -8.49 1.00
N SER B 240 -7.03 -7.72 2.04
CA SER B 240 -8.01 -6.82 2.68
C SER B 240 -8.47 -5.68 1.72
N LYS B 241 -7.76 -5.45 0.61
CA LYS B 241 -8.08 -4.34 -0.35
C LYS B 241 -8.55 -4.87 -1.72
N SER B 242 -8.80 -6.16 -1.84
CA SER B 242 -9.17 -6.80 -3.14
C SER B 242 -10.47 -6.21 -3.65
N PRO B 243 -10.69 -6.13 -4.98
CA PRO B 243 -12.00 -5.72 -5.50
C PRO B 243 -13.20 -6.44 -4.83
N PRO B 244 -13.23 -7.78 -4.62
CA PRO B 244 -14.35 -8.40 -3.93
C PRO B 244 -14.46 -7.91 -2.49
N ALA B 245 -13.35 -7.75 -1.78
CA ALA B 245 -13.39 -7.27 -0.38
C ALA B 245 -14.02 -5.88 -0.31
N GLU B 246 -13.55 -4.97 -1.15
CA GLU B 246 -14.00 -3.56 -1.08
C GLU B 246 -15.45 -3.44 -1.50
N PHE B 247 -15.86 -4.10 -2.58
CA PHE B 247 -17.24 -4.02 -3.10
C PHE B 247 -18.15 -4.62 -2.05
N MET B 248 -17.79 -5.76 -1.48
CA MET B 248 -18.67 -6.40 -0.47
C MET B 248 -18.80 -5.51 0.77
N ARG B 249 -17.75 -4.86 1.18
CA ARG B 249 -17.83 -3.88 2.29
C ARG B 249 -18.80 -2.77 1.87
N MET B 250 -18.71 -2.28 0.63
CA MET B 250 -19.64 -1.18 0.25
C MET B 250 -21.07 -1.69 0.13
N ILE B 251 -21.28 -2.95 -0.26
CA ILE B 251 -22.63 -3.57 -0.40
C ILE B 251 -23.25 -3.74 0.99
N GLY B 252 -22.47 -4.12 2.00
CA GLY B 252 -23.00 -4.61 3.29
C GLY B 252 -23.53 -6.02 3.15
N GLN B 256 -30.45 -7.48 3.34
CA GLN B 256 -30.03 -7.53 1.92
C GLN B 256 -30.77 -8.71 1.29
N GLY B 257 -32.02 -8.55 0.85
CA GLY B 257 -32.81 -9.62 0.21
C GLY B 257 -32.64 -9.68 -1.31
N GLN B 258 -31.43 -9.48 -1.84
CA GLN B 258 -31.19 -9.38 -3.30
C GLN B 258 -29.82 -10.01 -3.58
N SER B 259 -29.59 -10.48 -4.81
CA SER B 259 -28.31 -11.06 -5.23
C SER B 259 -27.19 -10.01 -5.13
N ILE B 260 -25.96 -10.48 -4.97
CA ILE B 260 -24.77 -9.59 -4.89
C ILE B 260 -24.72 -8.81 -6.21
N VAL B 261 -25.08 -9.44 -7.33
CA VAL B 261 -24.98 -8.80 -8.66
C VAL B 261 -25.93 -7.61 -8.65
N THR B 262 -27.14 -7.80 -8.14
CA THR B 262 -28.13 -6.72 -8.02
C THR B 262 -27.55 -5.57 -7.17
N HIS B 263 -26.94 -5.87 -6.03
CA HIS B 263 -26.37 -4.84 -5.13
C HIS B 263 -25.22 -4.13 -5.88
N LEU B 264 -24.42 -4.91 -6.60
CA LEU B 264 -23.29 -4.30 -7.35
C LEU B 264 -23.75 -3.31 -8.44
N ILE B 265 -24.66 -3.71 -9.31
CA ILE B 265 -25.25 -2.83 -10.34
C ILE B 265 -25.73 -1.53 -9.69
N GLU B 266 -26.50 -1.62 -8.61
CA GLU B 266 -27.08 -0.44 -7.93
C GLU B 266 -25.93 0.42 -7.38
N LEU B 267 -24.95 -0.20 -6.74
CA LEU B 267 -23.77 0.54 -6.21
C LEU B 267 -23.08 1.30 -7.35
N LEU B 268 -22.77 0.63 -8.46
CA LEU B 268 -22.01 1.26 -9.59
C LEU B 268 -22.86 2.37 -10.24
N LYS B 269 -24.18 2.18 -10.30
CA LYS B 269 -25.15 3.18 -10.84
C LYS B 269 -25.08 4.46 -10.00
N ASN B 270 -24.94 4.30 -8.69
CA ASN B 270 -24.87 5.44 -7.74
C ASN B 270 -23.45 5.96 -7.60
N ASN B 271 -22.57 5.62 -8.52
CA ASN B 271 -21.15 6.07 -8.62
C ASN B 271 -20.34 5.58 -7.42
N GLY B 272 -20.74 4.49 -6.75
CA GLY B 272 -19.78 3.76 -5.91
C GLY B 272 -18.60 3.26 -6.73
N ARG B 273 -17.38 3.45 -6.24
CA ARG B 273 -16.15 2.98 -6.96
C ARG B 273 -15.15 2.43 -5.96
N LEU B 274 -14.18 1.66 -6.44
CA LEU B 274 -13.08 1.24 -5.55
C LEU B 274 -12.31 2.48 -5.12
N PRO B 275 -11.77 2.50 -3.89
CA PRO B 275 -11.06 3.69 -3.42
C PRO B 275 -9.66 3.82 -4.04
N ARG B 276 -9.05 4.99 -3.94
CA ARG B 276 -7.63 5.17 -4.34
C ARG B 276 -6.72 4.24 -3.52
N PRO B 277 -5.89 3.39 -4.18
CA PRO B 277 -4.93 2.57 -3.44
C PRO B 277 -3.96 3.49 -2.67
N ASP B 278 -3.49 3.04 -1.53
CA ASP B 278 -2.61 3.85 -0.65
C ASP B 278 -1.31 4.20 -1.39
N GLY B 279 -0.99 5.47 -1.51
CA GLY B 279 0.15 5.99 -2.27
C GLY B 279 0.08 5.82 -3.78
N CYS B 280 -1.07 5.48 -4.35
CA CYS B 280 -1.29 5.55 -5.82
C CYS B 280 -1.08 6.98 -6.30
N PRO B 281 -0.16 7.26 -7.26
CA PRO B 281 -0.03 8.60 -7.83
C PRO B 281 -1.35 9.17 -8.37
N ASP B 282 -1.52 10.49 -8.23
CA ASP B 282 -2.80 11.14 -8.63
C ASP B 282 -3.15 10.71 -10.05
N GLU B 283 -2.19 10.71 -10.97
CA GLU B 283 -2.54 10.55 -12.43
C GLU B 283 -2.93 9.11 -12.73
N ILE B 284 -2.45 8.17 -11.94
CA ILE B 284 -2.86 6.75 -12.06
C ILE B 284 -4.25 6.53 -11.49
N TYR B 285 -4.57 7.13 -10.36
CA TYR B 285 -5.96 7.06 -9.82
C TYR B 285 -6.89 7.73 -10.82
N MET B 286 -6.51 8.87 -11.41
CA MET B 286 -7.35 9.52 -12.42
C MET B 286 -7.61 8.54 -13.60
N ILE B 287 -6.59 7.83 -14.10
CA ILE B 287 -6.75 6.84 -15.21
C ILE B 287 -7.77 5.77 -14.79
N MET B 288 -7.68 5.29 -13.56
CA MET B 288 -8.59 4.26 -13.01
C MET B 288 -10.02 4.77 -13.06
N THR B 289 -10.23 5.98 -12.55
CA THR B 289 -11.58 6.61 -12.47
C THR B 289 -12.16 6.85 -13.87
N GLU B 290 -11.35 7.15 -14.85
CA GLU B 290 -11.82 7.34 -16.25
C GLU B 290 -12.20 6.00 -16.88
N CYS B 291 -11.44 4.95 -16.60
CA CYS B 291 -11.75 3.58 -17.06
C CYS B 291 -13.09 3.16 -16.47
N TRP B 292 -13.42 3.61 -15.28
CA TRP B 292 -14.70 3.27 -14.59
C TRP B 292 -15.80 4.31 -14.84
N ASN B 293 -15.79 5.00 -15.96
CA ASN B 293 -16.94 5.83 -16.37
C ASN B 293 -18.13 4.92 -16.71
N ASN B 294 -19.33 5.26 -16.25
CA ASN B 294 -20.58 4.53 -16.52
C ASN B 294 -20.81 4.55 -18.04
N ASN B 295 -20.44 5.63 -18.70
CA ASN B 295 -20.63 5.76 -20.17
C ASN B 295 -19.46 5.11 -20.92
N VAL B 296 -19.76 4.10 -21.74
CA VAL B 296 -18.77 3.32 -22.51
C VAL B 296 -17.95 4.31 -23.34
N ASN B 297 -18.61 5.35 -23.83
CA ASN B 297 -18.03 6.25 -24.86
C ASN B 297 -17.08 7.24 -24.22
N GLN B 298 -17.04 7.30 -22.89
CA GLN B 298 -16.18 8.23 -22.13
C GLN B 298 -14.98 7.50 -21.54
N ARG B 299 -14.83 6.22 -21.79
CA ARG B 299 -13.65 5.46 -21.30
C ARG B 299 -12.50 5.66 -22.28
N PRO B 300 -11.25 5.75 -21.78
CA PRO B 300 -10.09 5.96 -22.65
C PRO B 300 -9.86 4.76 -23.58
N SER B 301 -9.14 5.01 -24.66
CA SER B 301 -8.66 3.99 -25.63
C SER B 301 -7.41 3.31 -25.04
N PHE B 302 -7.13 2.05 -25.35
CA PHE B 302 -5.84 1.45 -24.88
C PHE B 302 -4.61 2.18 -25.53
N ARG B 303 -4.74 2.75 -26.71
CA ARG B 303 -3.57 3.51 -27.26
C ARG B 303 -3.25 4.72 -26.35
N ASP B 304 -4.27 5.47 -25.91
CA ASP B 304 -4.13 6.62 -24.98
C ASP B 304 -3.63 6.16 -23.61
N LEU B 305 -4.12 5.05 -23.12
CA LEU B 305 -3.72 4.55 -21.78
C LEU B 305 -2.22 4.21 -21.83
N ALA B 306 -1.81 3.52 -22.88
CA ALA B 306 -0.35 3.24 -23.07
C ALA B 306 0.49 4.52 -22.98
N LEU B 307 0.10 5.53 -23.76
CA LEU B 307 0.81 6.82 -23.80
C LEU B 307 0.83 7.38 -22.38
N ARG B 308 -0.30 7.33 -21.65
CA ARG B 308 -0.40 8.12 -20.42
C ARG B 308 0.41 7.43 -19.34
N VAL B 309 0.24 6.10 -19.21
CA VAL B 309 1.06 5.26 -18.30
C VAL B 309 2.56 5.47 -18.63
N ASP B 310 2.96 5.39 -19.89
CA ASP B 310 4.39 5.58 -20.26
C ASP B 310 4.86 6.95 -19.75
N GLN B 311 4.04 7.98 -19.90
CA GLN B 311 4.48 9.35 -19.54
C GLN B 311 4.59 9.47 -18.02
N ILE B 312 3.64 8.92 -17.25
CA ILE B 312 3.76 8.91 -15.78
C ILE B 312 5.04 8.18 -15.39
N ARG B 313 5.32 7.06 -16.04
CA ARG B 313 6.54 6.28 -15.73
C ARG B 313 7.81 7.12 -15.99
N ASP B 314 7.94 7.79 -17.12
CA ASP B 314 9.11 8.66 -17.42
C ASP B 314 9.19 9.81 -16.42
N ASN B 315 8.07 10.46 -16.13
CA ASN B 315 7.98 11.60 -15.19
C ASN B 315 8.49 11.15 -13.81
N MET B 316 8.38 9.86 -13.51
CA MET B 316 8.89 9.27 -12.26
C MET B 316 10.30 8.72 -12.54
O1 YT8 C . -2.19 14.53 23.07
N1 YT8 C . -5.35 19.19 18.47
C1 YT8 C . -8.94 16.59 16.21
C2 YT8 C . -7.82 16.91 17.15
C3 YT8 C . -7.22 18.17 17.36
C4 YT8 C . -6.14 18.12 18.20
C5 YT8 C . -4.31 19.33 19.33
C6 YT8 C . -2.63 20.59 20.24
C7 YT8 C . -2.17 19.52 20.97
C8 YT8 C . -0.97 19.69 21.88
N2 YT8 C . -3.67 20.51 19.40
C9 YT8 C . -2.89 18.31 20.81
N3 YT8 C . -2.55 17.08 21.39
C10 YT8 C . -1.44 16.69 22.25
C11 YT8 C . -1.90 15.21 21.86
C12 YT8 C . -0.98 14.35 21.04
C13 YT8 C . -0.07 14.89 19.99
C14 YT8 C . 0.51 14.37 21.26
C15 YT8 C . -3.15 15.77 21.12
N4 YT8 C . -3.92 18.21 19.97
S1 YT8 C . -5.94 16.51 18.80
N5 YT8 C . -7.25 15.95 17.89
O1 YT8 D . -3.73 -21.10 -16.07
N1 YT8 D . 3.54 -20.70 -15.89
C1 YT8 D . 4.64 -21.02 -11.02
C2 YT8 D . 3.84 -20.93 -12.28
C3 YT8 D . 4.33 -20.88 -13.61
C4 YT8 D . 3.32 -20.78 -14.54
C5 YT8 D . 2.66 -20.69 -16.93
C6 YT8 D . 2.19 -20.60 -19.18
C7 YT8 D . 0.83 -20.61 -18.93
C8 YT8 D . -0.11 -20.61 -20.11
N2 YT8 D . 3.11 -20.64 -18.19
C9 YT8 D . 0.46 -20.64 -17.57
N3 YT8 D . -0.87 -20.61 -17.08
C10 YT8 D . -2.16 -20.53 -17.76
C11 YT8 D . -2.69 -20.16 -16.32
C12 YT8 D . -3.25 -18.82 -15.94
C13 YT8 D . -2.66 -17.51 -16.35
C14 YT8 D . -3.95 -17.95 -16.93
C15 YT8 D . -1.30 -20.46 -15.68
N4 YT8 D . 1.36 -20.65 -16.59
S1 YT8 D . 1.79 -20.77 -13.75
N5 YT8 D . 2.51 -20.83 -12.23
#